data_1SDJ
#
_entry.id   1SDJ
#
_cell.length_a   125.047
_cell.length_b   130.659
_cell.length_c   48.555
_cell.angle_alpha   90.00
_cell.angle_beta   90.00
_cell.angle_gamma   90.00
#
_symmetry.space_group_name_H-M   'C 2 2 21'
#
loop_
_entity.id
_entity.type
_entity.pdbx_description
1 polymer 'Hypothetical protein yddE'
2 non-polymer 'SULFATE ION'
3 water water
#
_entity_poly.entity_id   1
_entity_poly.type   'polypeptide(L)'
_entity_poly.pdbx_seq_one_letter_code
;SGRENLYFQGH(MSE)KPQVYHVDAFTSQPFRGNSAGVVFPADNLSEAQ(MSE)QLIARELGHSETAFLLHSDDSDVRIR
YFTPTVEVPICGHATVAAHYVRAKVLGLGNCTIWQTSLAGKHRVTIEKHNDDYRISLEQGTPGFEPPLEGETRAAIINAL
HLTEDDILPGLPIQVATTGHSKV(MSE)IPLKPEVDIDALSPDLNALTAISKKIGCNGFFPFQIRPGKNETDGR(MSE)F
SPAIGIVEDPVTGNANGP(MSE)GAWLVHHNVLPHDGNVLRVKGHQGRALGRDG(MSE)IEVTVTIRDNQPEKVTISGTA
VILFHAEWAIELGS
;
_entity_poly.pdbx_strand_id   A
#
loop_
_chem_comp.id
_chem_comp.type
_chem_comp.name
_chem_comp.formula
SO4 non-polymer 'SULFATE ION' 'O4 S -2'
#
# COMPACT_ATOMS: atom_id res chain seq x y z
N SER A 1 -24.32 8.77 -21.86
CA SER A 1 -24.25 8.64 -20.38
C SER A 1 -23.19 7.61 -19.99
N GLY A 2 -23.64 6.43 -19.57
CA GLY A 2 -22.72 5.39 -19.18
C GLY A 2 -22.40 4.49 -20.37
N ARG A 3 -23.16 4.69 -21.45
CA ARG A 3 -22.97 3.92 -22.67
C ARG A 3 -21.98 4.66 -23.56
N GLU A 4 -22.02 5.98 -23.49
CA GLU A 4 -21.12 6.81 -24.28
C GLU A 4 -19.72 6.65 -23.71
N ASN A 5 -19.65 6.55 -22.38
CA ASN A 5 -18.37 6.39 -21.70
C ASN A 5 -17.70 5.09 -22.09
N LEU A 6 -18.47 4.01 -22.14
CA LEU A 6 -17.90 2.73 -22.53
C LEU A 6 -17.42 2.77 -23.98
N TYR A 7 -18.11 3.53 -24.83
CA TYR A 7 -17.71 3.63 -26.23
C TYR A 7 -16.35 4.30 -26.37
N PHE A 8 -16.13 5.34 -25.56
CA PHE A 8 -14.85 6.05 -25.59
C PHE A 8 -13.70 5.21 -25.06
N GLN A 9 -13.92 4.55 -23.94
CA GLN A 9 -12.87 3.71 -23.34
C GLN A 9 -12.53 2.51 -24.20
N GLY A 10 -13.09 2.47 -25.40
CA GLY A 10 -12.81 1.35 -26.29
C GLY A 10 -12.33 1.85 -27.64
N HIS A 11 -12.43 3.15 -27.87
CA HIS A 11 -12.03 3.75 -29.13
C HIS A 11 -10.95 4.81 -29.01
N MSE A 12 -10.57 5.16 -27.79
CA MSE A 12 -9.53 6.17 -27.58
C MSE A 12 -8.17 5.47 -27.50
O MSE A 12 -8.09 4.32 -27.07
CB MSE A 12 -9.81 6.93 -26.29
CG MSE A 12 -8.83 8.05 -26.03
SE MSE A 12 -8.87 8.52 -24.16
CE MSE A 12 -7.21 7.70 -23.60
N LYS A 13 -7.11 6.16 -27.90
CA LYS A 13 -5.77 5.57 -27.87
C LYS A 13 -5.26 5.43 -26.44
N PRO A 14 -4.78 4.23 -26.07
CA PRO A 14 -4.25 3.96 -24.73
C PRO A 14 -3.06 4.84 -24.37
N GLN A 15 -2.95 5.16 -23.08
CA GLN A 15 -1.85 5.99 -22.57
C GLN A 15 -1.26 5.31 -21.35
N VAL A 16 -0.09 5.78 -20.95
CA VAL A 16 0.59 5.23 -19.79
C VAL A 16 1.22 6.33 -18.96
N TYR A 17 1.03 6.24 -17.65
CA TYR A 17 1.61 7.21 -16.73
C TYR A 17 2.60 6.51 -15.81
N HIS A 18 3.64 7.21 -15.43
CA HIS A 18 4.64 6.65 -14.54
C HIS A 18 4.61 7.55 -13.33
N VAL A 19 4.21 7.02 -12.18
CA VAL A 19 4.14 7.86 -11.00
C VAL A 19 4.75 7.24 -9.77
N ASP A 20 5.26 8.08 -8.89
CA ASP A 20 5.81 7.63 -7.64
C ASP A 20 4.74 7.91 -6.57
N ALA A 21 4.22 6.87 -5.92
CA ALA A 21 3.18 7.05 -4.92
C ALA A 21 3.70 7.21 -3.50
N PHE A 22 2.91 7.91 -2.68
CA PHE A 22 3.22 8.19 -1.28
C PHE A 22 4.45 9.08 -1.10
N THR A 23 4.52 10.09 -1.96
CA THR A 23 5.60 11.07 -1.96
C THR A 23 5.23 12.12 -2.99
N SER A 24 5.89 13.25 -2.92
CA SER A 24 5.65 14.33 -3.88
C SER A 24 7.05 14.68 -4.39
N GLN A 25 8.00 13.82 -4.03
CA GLN A 25 9.39 14.00 -4.41
C GLN A 25 9.78 12.94 -5.45
N PRO A 26 10.02 13.40 -6.70
CA PRO A 26 10.40 12.51 -7.80
C PRO A 26 11.46 11.50 -7.41
N PHE A 27 11.32 10.30 -7.96
CA PHE A 27 12.24 9.18 -7.74
C PHE A 27 12.20 8.55 -6.35
N ARG A 28 11.26 8.99 -5.51
CA ARG A 28 11.13 8.44 -4.17
C ARG A 28 9.82 7.67 -4.10
N GLY A 29 9.38 7.36 -2.88
CA GLY A 29 8.14 6.62 -2.69
C GLY A 29 8.11 5.28 -3.39
N ASN A 30 6.92 4.80 -3.73
CA ASN A 30 6.77 3.51 -4.40
C ASN A 30 6.23 3.82 -5.80
N SER A 31 6.93 3.37 -6.85
CA SER A 31 6.49 3.65 -8.21
C SER A 31 5.45 2.66 -8.70
N ALA A 32 4.54 3.13 -9.53
CA ALA A 32 3.50 2.26 -10.08
C ALA A 32 3.09 2.77 -11.45
N GLY A 33 2.68 1.87 -12.31
CA GLY A 33 2.24 2.33 -13.61
C GLY A 33 0.72 2.44 -13.62
N VAL A 34 0.22 3.27 -14.52
CA VAL A 34 -1.21 3.42 -14.68
C VAL A 34 -1.44 3.51 -16.18
N VAL A 35 -2.26 2.62 -16.69
CA VAL A 35 -2.58 2.58 -18.10
C VAL A 35 -4.10 2.69 -18.30
N PHE A 36 -4.51 3.48 -19.28
CA PHE A 36 -5.94 3.65 -19.55
C PHE A 36 -6.15 4.19 -20.96
N PRO A 37 -7.24 3.76 -21.64
CA PRO A 37 -8.26 2.84 -21.17
C PRO A 37 -7.74 1.42 -21.39
N ALA A 38 -8.20 0.47 -20.58
CA ALA A 38 -7.75 -0.91 -20.69
C ALA A 38 -8.88 -1.82 -21.16
N ASP A 39 -10.07 -1.26 -21.35
CA ASP A 39 -11.24 -2.02 -21.77
C ASP A 39 -10.99 -2.83 -23.03
N ASN A 40 -10.21 -2.27 -23.94
CA ASN A 40 -9.92 -2.93 -25.18
C ASN A 40 -8.58 -3.69 -25.13
N LEU A 41 -8.27 -4.25 -23.95
CA LEU A 41 -7.03 -5.03 -23.73
C LEU A 41 -7.35 -6.37 -23.09
N SER A 42 -6.55 -7.39 -23.42
CA SER A 42 -6.75 -8.72 -22.86
C SER A 42 -5.89 -8.97 -21.63
N GLU A 43 -6.35 -9.88 -20.78
CA GLU A 43 -5.62 -10.22 -19.56
C GLU A 43 -4.16 -10.49 -19.94
N ALA A 44 -3.97 -11.09 -21.10
CA ALA A 44 -2.63 -11.41 -21.59
C ALA A 44 -1.84 -10.14 -21.90
N GLN A 45 -2.46 -9.25 -22.66
CA GLN A 45 -1.82 -7.99 -23.05
C GLN A 45 -1.48 -7.15 -21.83
N MSE A 46 -2.38 -7.14 -20.85
CA MSE A 46 -2.16 -6.37 -19.65
C MSE A 46 -0.96 -6.95 -18.91
O MSE A 46 -0.05 -6.21 -18.51
CB MSE A 46 -3.41 -6.38 -18.76
CG MSE A 46 -4.55 -5.59 -19.38
SE MSE A 46 -6.05 -5.29 -18.19
CE MSE A 46 -7.36 -6.44 -19.01
N GLN A 47 -0.94 -8.27 -18.75
CA GLN A 47 0.18 -8.92 -18.08
C GLN A 47 1.49 -8.61 -18.79
N LEU A 48 1.45 -8.59 -20.13
CA LEU A 48 2.64 -8.29 -20.94
C LEU A 48 3.10 -6.84 -20.73
N ILE A 49 2.14 -5.95 -20.54
CA ILE A 49 2.46 -4.55 -20.34
C ILE A 49 3.10 -4.34 -18.98
N ALA A 50 2.54 -4.99 -17.95
CA ALA A 50 3.07 -4.88 -16.60
C ALA A 50 4.49 -5.43 -16.58
N ARG A 51 4.73 -6.47 -17.37
CA ARG A 51 6.08 -7.04 -17.43
C ARG A 51 7.02 -6.06 -18.13
N GLU A 52 6.51 -5.34 -19.12
CA GLU A 52 7.32 -4.37 -19.86
C GLU A 52 7.72 -3.18 -19.00
N LEU A 53 6.74 -2.59 -18.32
CA LEU A 53 6.98 -1.43 -17.46
C LEU A 53 7.89 -1.76 -16.28
N GLY A 54 7.70 -2.93 -15.69
CA GLY A 54 8.53 -3.34 -14.57
C GLY A 54 8.24 -2.79 -13.20
N HIS A 55 7.18 -2.00 -13.03
CA HIS A 55 6.86 -1.47 -11.70
C HIS A 55 6.44 -2.63 -10.80
N SER A 56 6.45 -2.44 -9.49
CA SER A 56 6.01 -3.49 -8.59
C SER A 56 4.60 -3.86 -9.06
N GLU A 57 3.91 -2.87 -9.63
CA GLU A 57 2.59 -3.13 -10.21
C GLU A 57 2.08 -1.98 -11.03
N THR A 58 1.30 -2.34 -12.05
CA THR A 58 0.69 -1.37 -12.95
C THR A 58 -0.81 -1.53 -12.79
N ALA A 59 -1.51 -0.40 -12.66
CA ALA A 59 -2.95 -0.38 -12.53
C ALA A 59 -3.55 -0.11 -13.90
N PHE A 60 -4.60 -0.86 -14.25
CA PHE A 60 -5.27 -0.68 -15.53
C PHE A 60 -6.69 -0.19 -15.23
N LEU A 61 -7.06 0.95 -15.80
CA LEU A 61 -8.38 1.52 -15.56
C LEU A 61 -9.40 1.03 -16.57
N LEU A 62 -10.46 0.43 -16.06
CA LEU A 62 -11.54 -0.12 -16.88
C LEU A 62 -12.87 0.57 -16.61
N HIS A 63 -13.83 0.33 -17.49
CA HIS A 63 -15.15 0.90 -17.33
C HIS A 63 -15.89 0.09 -16.26
N SER A 64 -16.74 0.77 -15.50
CA SER A 64 -17.54 0.11 -14.47
C SER A 64 -18.98 0.58 -14.62
N ASP A 65 -19.93 -0.33 -14.46
CA ASP A 65 -21.34 0.01 -14.58
C ASP A 65 -21.92 0.57 -13.28
N ASP A 66 -21.58 -0.07 -12.16
CA ASP A 66 -22.09 0.36 -10.87
C ASP A 66 -21.17 1.35 -10.14
N SER A 67 -19.86 1.17 -10.27
CA SER A 67 -18.92 2.08 -9.63
C SER A 67 -18.37 3.11 -10.62
N ASP A 68 -17.57 4.05 -10.10
CA ASP A 68 -16.98 5.10 -10.92
C ASP A 68 -15.84 4.56 -11.79
N VAL A 69 -15.21 3.48 -11.35
CA VAL A 69 -14.11 2.94 -12.13
C VAL A 69 -13.70 1.55 -11.68
N ARG A 70 -13.23 0.76 -12.63
CA ARG A 70 -12.80 -0.60 -12.34
C ARG A 70 -11.29 -0.61 -12.58
N ILE A 71 -10.56 -1.21 -11.65
CA ILE A 71 -9.12 -1.25 -11.78
C ILE A 71 -8.61 -2.66 -11.65
N ARG A 72 -7.67 -3.03 -12.50
CA ARG A 72 -7.06 -4.36 -12.39
C ARG A 72 -5.59 -4.06 -12.13
N TYR A 73 -4.98 -4.85 -11.25
CA TYR A 73 -3.59 -4.64 -10.88
C TYR A 73 -2.70 -5.79 -11.25
N PHE A 74 -1.60 -5.48 -11.94
CA PHE A 74 -0.68 -6.52 -12.34
C PHE A 74 0.75 -6.26 -11.89
N THR A 75 1.36 -7.35 -11.43
CA THR A 75 2.74 -7.37 -10.98
C THR A 75 3.43 -7.71 -12.29
N PRO A 76 4.77 -7.72 -12.33
CA PRO A 76 5.40 -8.06 -13.60
C PRO A 76 5.19 -9.53 -14.02
N THR A 77 4.63 -10.35 -13.13
CA THR A 77 4.43 -11.77 -13.44
C THR A 77 3.04 -12.35 -13.19
N VAL A 78 2.24 -11.71 -12.34
CA VAL A 78 0.89 -12.20 -12.09
C VAL A 78 -0.05 -11.08 -11.68
N GLU A 79 -1.35 -11.32 -11.85
CA GLU A 79 -2.36 -10.35 -11.49
C GLU A 79 -2.57 -10.41 -9.98
N VAL A 80 -2.96 -9.27 -9.39
CA VAL A 80 -3.19 -9.15 -7.96
C VAL A 80 -4.56 -8.52 -7.77
N PRO A 81 -5.28 -8.90 -6.69
CA PRO A 81 -6.63 -8.36 -6.40
C PRO A 81 -6.68 -6.85 -6.27
N ILE A 82 -5.82 -6.31 -5.42
CA ILE A 82 -5.75 -4.87 -5.21
C ILE A 82 -4.37 -4.50 -4.66
N CYS A 83 -3.98 -3.25 -4.82
CA CYS A 83 -2.67 -2.79 -4.36
C CYS A 83 -2.82 -1.34 -3.89
N GLY A 84 -2.32 -1.07 -2.69
CA GLY A 84 -2.43 0.27 -2.14
C GLY A 84 -1.77 1.39 -2.93
N HIS A 85 -0.45 1.37 -3.03
CA HIS A 85 0.25 2.42 -3.75
C HIS A 85 -0.16 2.54 -5.22
N ALA A 86 -0.48 1.43 -5.88
CA ALA A 86 -0.90 1.50 -7.28
C ALA A 86 -2.29 2.16 -7.36
N THR A 87 -3.08 1.99 -6.31
CA THR A 87 -4.42 2.57 -6.27
C THR A 87 -4.35 4.09 -6.08
N VAL A 88 -3.50 4.57 -5.18
CA VAL A 88 -3.41 6.00 -4.98
C VAL A 88 -2.85 6.59 -6.29
N ALA A 89 -1.86 5.92 -6.87
CA ALA A 89 -1.28 6.39 -8.12
C ALA A 89 -2.38 6.50 -9.20
N ALA A 90 -3.22 5.47 -9.28
CA ALA A 90 -4.30 5.44 -10.26
C ALA A 90 -5.28 6.60 -10.09
N HIS A 91 -5.74 6.84 -8.86
CA HIS A 91 -6.68 7.94 -8.63
C HIS A 91 -6.05 9.31 -8.70
N TYR A 92 -4.74 9.37 -8.48
CA TYR A 92 -4.01 10.61 -8.56
C TYR A 92 -4.01 11.01 -10.04
N VAL A 93 -3.67 10.07 -10.91
CA VAL A 93 -3.63 10.31 -12.36
C VAL A 93 -5.04 10.65 -12.85
N ARG A 94 -6.01 9.92 -12.33
CA ARG A 94 -7.38 10.12 -12.74
C ARG A 94 -7.88 11.50 -12.35
N ALA A 95 -7.45 11.98 -11.18
CA ALA A 95 -7.85 13.32 -10.70
C ALA A 95 -7.20 14.41 -11.53
N LYS A 96 -5.90 14.23 -11.80
CA LYS A 96 -5.16 15.20 -12.61
C LYS A 96 -5.79 15.34 -13.98
N VAL A 97 -5.91 14.23 -14.68
CA VAL A 97 -6.49 14.18 -16.01
C VAL A 97 -7.90 14.74 -16.11
N LEU A 98 -8.78 14.39 -15.18
CA LEU A 98 -10.15 14.88 -15.21
C LEU A 98 -10.36 16.17 -14.43
N GLY A 99 -9.33 16.62 -13.71
CA GLY A 99 -9.46 17.82 -12.90
C GLY A 99 -10.63 17.66 -11.94
N LEU A 100 -10.68 16.52 -11.27
CA LEU A 100 -11.77 16.16 -10.36
C LEU A 100 -12.19 17.06 -9.19
N GLY A 101 -11.24 17.71 -8.52
CA GLY A 101 -11.64 18.53 -7.39
C GLY A 101 -12.15 17.63 -6.26
N ASN A 102 -12.36 18.20 -5.08
CA ASN A 102 -12.84 17.45 -3.91
C ASN A 102 -14.09 16.61 -4.14
N CYS A 103 -13.98 15.31 -3.85
CA CYS A 103 -15.11 14.40 -4.05
C CYS A 103 -14.80 12.99 -3.54
N THR A 104 -15.77 12.11 -3.63
CA THR A 104 -15.54 10.73 -3.20
C THR A 104 -16.05 9.83 -4.31
N ILE A 105 -15.27 8.82 -4.67
CA ILE A 105 -15.72 7.91 -5.71
C ILE A 105 -15.52 6.45 -5.31
N TRP A 106 -16.20 5.56 -6.03
CA TRP A 106 -16.10 4.15 -5.76
C TRP A 106 -15.39 3.40 -6.87
N GLN A 107 -14.49 2.50 -6.50
CA GLN A 107 -13.79 1.70 -7.49
C GLN A 107 -14.20 0.24 -7.29
N THR A 108 -13.93 -0.60 -8.27
CA THR A 108 -14.25 -2.02 -8.17
C THR A 108 -13.04 -2.81 -8.59
N SER A 109 -12.78 -3.92 -7.93
CA SER A 109 -11.64 -4.76 -8.25
C SER A 109 -11.88 -6.13 -7.64
N LEU A 110 -10.95 -7.06 -7.86
CA LEU A 110 -11.06 -8.38 -7.28
C LEU A 110 -11.18 -8.31 -5.76
N ALA A 111 -10.79 -7.18 -5.19
CA ALA A 111 -10.87 -6.98 -3.75
C ALA A 111 -12.26 -6.47 -3.35
N GLY A 112 -13.12 -6.32 -4.36
CA GLY A 112 -14.48 -5.85 -4.13
C GLY A 112 -14.65 -4.37 -4.40
N LYS A 113 -15.53 -3.72 -3.64
CA LYS A 113 -15.77 -2.30 -3.79
C LYS A 113 -15.13 -1.53 -2.65
N HIS A 114 -14.51 -0.40 -2.99
CA HIS A 114 -13.82 0.48 -2.04
C HIS A 114 -14.13 1.93 -2.39
N ARG A 115 -14.20 2.77 -1.37
CA ARG A 115 -14.46 4.18 -1.57
C ARG A 115 -13.13 4.93 -1.50
N VAL A 116 -12.96 5.93 -2.37
CA VAL A 116 -11.73 6.71 -2.43
C VAL A 116 -12.06 8.18 -2.29
N THR A 117 -11.27 8.88 -1.49
CA THR A 117 -11.49 10.31 -1.29
C THR A 117 -10.39 11.13 -1.95
N ILE A 118 -10.83 12.11 -2.74
CA ILE A 118 -9.90 12.98 -3.45
C ILE A 118 -10.03 14.36 -2.86
N GLU A 119 -8.89 14.91 -2.42
CA GLU A 119 -8.89 16.24 -1.83
C GLU A 119 -7.99 17.21 -2.57
N LYS A 120 -8.58 18.16 -3.29
CA LYS A 120 -7.78 19.14 -4.01
C LYS A 120 -7.22 20.16 -3.02
N HIS A 121 -6.04 20.67 -3.33
CA HIS A 121 -5.38 21.67 -2.49
C HIS A 121 -4.14 22.17 -3.22
N ASN A 122 -4.11 23.48 -3.45
CA ASN A 122 -2.99 24.12 -4.15
C ASN A 122 -2.45 23.29 -5.30
N ASP A 123 -3.26 23.18 -6.36
CA ASP A 123 -2.87 22.44 -7.55
C ASP A 123 -2.63 20.95 -7.37
N ASP A 124 -2.51 20.48 -6.14
CA ASP A 124 -2.26 19.06 -5.95
C ASP A 124 -3.36 18.24 -5.29
N TYR A 125 -3.13 16.94 -5.25
CA TYR A 125 -4.11 16.01 -4.68
C TYR A 125 -3.59 15.09 -3.60
N ARG A 126 -4.48 14.74 -2.68
CA ARG A 126 -4.19 13.80 -1.61
C ARG A 126 -5.24 12.73 -1.85
N ILE A 127 -4.84 11.47 -1.89
CA ILE A 127 -5.80 10.40 -2.13
C ILE A 127 -6.05 9.58 -0.86
N SER A 128 -7.32 9.35 -0.53
CA SER A 128 -7.67 8.57 0.65
C SER A 128 -8.35 7.25 0.28
N LEU A 129 -7.86 6.14 0.82
CA LEU A 129 -8.41 4.81 0.56
C LEU A 129 -9.04 4.18 1.79
N GLU A 130 -10.34 3.94 1.76
CA GLU A 130 -11.02 3.32 2.90
C GLU A 130 -10.81 1.82 2.84
N GLN A 131 -9.88 1.33 3.66
CA GLN A 131 -9.52 -0.09 3.74
C GLN A 131 -10.52 -0.97 4.47
N GLY A 132 -11.35 -0.39 5.33
CA GLY A 132 -12.32 -1.19 6.07
C GLY A 132 -11.90 -1.69 7.44
N THR A 133 -12.46 -2.82 7.85
CA THR A 133 -12.18 -3.41 9.17
C THR A 133 -10.85 -4.17 9.24
N PRO A 134 -10.17 -4.08 10.38
CA PRO A 134 -8.89 -4.78 10.54
C PRO A 134 -9.05 -6.13 11.24
N GLY A 135 -7.98 -6.93 11.21
CA GLY A 135 -8.01 -8.22 11.86
C GLY A 135 -6.66 -8.60 12.45
N PHE A 136 -6.68 -9.35 13.56
CA PHE A 136 -5.43 -9.76 14.20
C PHE A 136 -5.41 -11.24 14.49
N GLU A 137 -4.26 -11.87 14.27
CA GLU A 137 -4.11 -13.29 14.56
C GLU A 137 -3.48 -13.39 15.94
N PRO A 138 -3.64 -14.52 16.61
CA PRO A 138 -3.04 -14.66 17.94
C PRO A 138 -1.56 -14.31 17.90
N PRO A 139 -1.06 -13.59 18.91
CA PRO A 139 0.35 -13.19 18.99
C PRO A 139 1.30 -14.37 18.78
N LEU A 140 2.34 -14.16 17.99
CA LEU A 140 3.31 -15.22 17.75
C LEU A 140 4.23 -15.34 18.97
N GLU A 141 4.47 -16.57 19.41
CA GLU A 141 5.31 -16.78 20.58
C GLU A 141 6.33 -17.90 20.47
N GLY A 142 6.94 -18.20 21.62
CA GLY A 142 7.93 -19.24 21.72
C GLY A 142 9.02 -19.24 20.67
N GLU A 143 9.19 -20.41 20.06
CA GLU A 143 10.20 -20.64 19.03
C GLU A 143 10.05 -19.73 17.81
N THR A 144 8.81 -19.49 17.37
CA THR A 144 8.55 -18.64 16.22
C THR A 144 8.93 -17.19 16.51
N ARG A 145 8.61 -16.73 17.71
CA ARG A 145 8.94 -15.37 18.09
C ARG A 145 10.44 -15.19 17.99
N ALA A 146 11.18 -16.09 18.64
CA ALA A 146 12.62 -16.03 18.65
C ALA A 146 13.18 -16.20 17.24
N ALA A 147 12.44 -16.90 16.39
CA ALA A 147 12.87 -17.14 15.02
C ALA A 147 12.84 -15.82 14.25
N ILE A 148 11.75 -15.07 14.41
CA ILE A 148 11.57 -13.79 13.74
C ILE A 148 12.59 -12.77 14.27
N ILE A 149 12.73 -12.72 15.59
CA ILE A 149 13.67 -11.81 16.23
C ILE A 149 15.12 -12.08 15.83
N ASN A 150 15.48 -13.36 15.70
CA ASN A 150 16.85 -13.72 15.34
C ASN A 150 17.16 -13.49 13.87
N ALA A 151 16.13 -13.63 13.03
CA ALA A 151 16.29 -13.44 11.60
C ALA A 151 16.57 -11.98 11.28
N LEU A 152 16.25 -11.11 12.23
CA LEU A 152 16.49 -9.68 12.06
C LEU A 152 17.81 -9.29 12.69
N HIS A 153 18.44 -10.26 13.36
CA HIS A 153 19.70 -10.04 14.03
C HIS A 153 19.50 -9.09 15.20
N LEU A 154 18.47 -9.37 15.99
CA LEU A 154 18.14 -8.56 17.16
C LEU A 154 17.88 -9.49 18.35
N THR A 155 17.71 -8.92 19.53
CA THR A 155 17.43 -9.69 20.74
C THR A 155 16.17 -9.12 21.40
N GLU A 156 15.61 -9.83 22.38
CA GLU A 156 14.42 -9.36 23.07
C GLU A 156 14.62 -7.94 23.61
N ASP A 157 15.88 -7.57 23.81
CA ASP A 157 16.22 -6.25 24.31
C ASP A 157 15.85 -5.16 23.30
N ASP A 158 15.59 -5.58 22.07
CA ASP A 158 15.25 -4.64 21.00
C ASP A 158 13.76 -4.46 20.75
N ILE A 159 12.93 -5.36 21.28
CA ILE A 159 11.50 -5.26 21.08
C ILE A 159 10.84 -4.43 22.18
N LEU A 160 9.83 -3.64 21.81
CA LEU A 160 9.12 -2.83 22.81
C LEU A 160 8.52 -3.76 23.84
N PRO A 161 8.67 -3.43 25.13
CA PRO A 161 8.13 -4.27 26.21
C PRO A 161 6.62 -4.42 26.26
N GLY A 162 6.17 -5.62 26.62
CA GLY A 162 4.75 -5.89 26.74
C GLY A 162 3.99 -6.01 25.44
N LEU A 163 4.64 -5.71 24.32
CA LEU A 163 4.01 -5.77 23.01
C LEU A 163 4.32 -7.07 22.28
N PRO A 164 3.32 -7.63 21.60
CA PRO A 164 3.53 -8.87 20.86
C PRO A 164 3.98 -8.66 19.43
N ILE A 165 4.52 -9.73 18.85
CA ILE A 165 4.95 -9.73 17.47
C ILE A 165 3.81 -10.51 16.83
N GLN A 166 2.89 -9.82 16.16
CA GLN A 166 1.78 -10.56 15.57
C GLN A 166 1.33 -10.10 14.21
N VAL A 167 0.55 -10.97 13.57
CA VAL A 167 0.02 -10.72 12.26
C VAL A 167 -1.19 -9.79 12.37
N ALA A 168 -1.15 -8.69 11.63
CA ALA A 168 -2.23 -7.72 11.62
C ALA A 168 -2.60 -7.59 10.15
N THR A 169 -3.85 -7.26 9.86
CA THR A 169 -4.26 -7.17 8.48
C THR A 169 -5.49 -6.33 8.23
N THR A 170 -5.59 -5.89 6.98
CA THR A 170 -6.70 -5.09 6.55
C THR A 170 -6.97 -5.57 5.13
N GLY A 171 -6.32 -6.69 4.78
CA GLY A 171 -6.46 -7.28 3.46
C GLY A 171 -5.33 -8.23 3.12
N HIS A 172 -4.10 -7.79 3.35
CA HIS A 172 -2.91 -8.60 3.08
C HIS A 172 -2.04 -8.57 4.34
N SER A 173 -2.19 -9.61 5.16
CA SER A 173 -1.48 -9.75 6.43
C SER A 173 0.01 -9.39 6.43
N LYS A 174 0.48 -8.97 7.59
CA LYS A 174 1.89 -8.59 7.82
C LYS A 174 2.15 -8.84 9.31
N VAL A 175 3.35 -9.27 9.65
CA VAL A 175 3.65 -9.49 11.06
C VAL A 175 4.23 -8.20 11.62
N MSE A 176 3.55 -7.65 12.62
CA MSE A 176 3.99 -6.43 13.28
C MSE A 176 5.15 -6.75 14.20
O MSE A 176 5.05 -7.67 15.01
CB MSE A 176 2.86 -5.85 14.14
CG MSE A 176 1.61 -5.51 13.39
SE MSE A 176 1.78 -4.01 12.18
CE MSE A 176 2.02 -4.99 10.50
N ILE A 177 6.25 -6.03 14.07
CA ILE A 177 7.40 -6.24 14.93
C ILE A 177 7.77 -4.88 15.52
N PRO A 178 7.27 -4.59 16.75
CA PRO A 178 7.53 -3.34 17.46
C PRO A 178 8.94 -3.19 18.05
N LEU A 179 9.74 -2.32 17.44
CA LEU A 179 11.12 -2.10 17.87
C LEU A 179 11.27 -0.87 18.75
N LYS A 180 12.26 -0.92 19.64
CA LYS A 180 12.53 0.23 20.49
C LYS A 180 13.11 1.32 19.58
N PRO A 181 13.03 2.58 20.02
CA PRO A 181 13.56 3.69 19.22
C PRO A 181 15.07 3.69 19.00
N GLU A 182 15.82 3.04 19.91
CA GLU A 182 17.28 3.01 19.80
C GLU A 182 17.74 2.07 18.70
N VAL A 183 16.87 1.16 18.26
CA VAL A 183 17.24 0.24 17.19
C VAL A 183 17.54 0.99 15.89
N ASP A 184 18.70 0.73 15.29
CA ASP A 184 19.07 1.37 14.03
C ASP A 184 18.26 0.62 12.98
N ILE A 185 17.09 1.15 12.62
CA ILE A 185 16.24 0.45 11.67
C ILE A 185 16.77 0.34 10.24
N ASP A 186 17.50 1.36 9.77
CA ASP A 186 18.05 1.36 8.41
C ASP A 186 19.22 0.38 8.25
N ALA A 187 19.88 0.05 9.36
CA ALA A 187 21.01 -0.86 9.32
C ALA A 187 20.55 -2.31 9.31
N LEU A 188 19.25 -2.52 9.43
CA LEU A 188 18.73 -3.88 9.42
C LEU A 188 19.04 -4.58 8.11
N SER A 189 19.48 -5.83 8.22
CA SER A 189 19.79 -6.66 7.06
C SER A 189 19.40 -8.08 7.44
N PRO A 190 18.09 -8.39 7.35
CA PRO A 190 17.55 -9.70 7.70
C PRO A 190 18.17 -10.90 7.00
N ASP A 191 17.92 -12.07 7.57
CA ASP A 191 18.38 -13.31 7.01
C ASP A 191 17.18 -13.67 6.15
N LEU A 192 17.20 -13.21 4.90
CA LEU A 192 16.10 -13.42 3.96
C LEU A 192 15.55 -14.84 3.88
N ASN A 193 16.43 -15.84 3.82
CA ASN A 193 15.96 -17.21 3.74
C ASN A 193 15.22 -17.63 5.00
N ALA A 194 15.72 -17.21 6.15
CA ALA A 194 15.09 -17.55 7.42
C ALA A 194 13.69 -16.94 7.49
N LEU A 195 13.53 -15.77 6.88
CA LEU A 195 12.23 -15.10 6.87
C LEU A 195 11.23 -15.84 6.00
N THR A 196 11.64 -16.27 4.80
CA THR A 196 10.72 -16.98 3.93
C THR A 196 10.36 -18.31 4.55
N ALA A 197 11.31 -18.87 5.29
CA ALA A 197 11.11 -20.14 5.96
C ALA A 197 9.99 -20.03 6.98
N ILE A 198 10.02 -18.98 7.79
CA ILE A 198 8.98 -18.82 8.79
C ILE A 198 7.67 -18.32 8.17
N SER A 199 7.76 -17.67 7.01
CA SER A 199 6.56 -17.20 6.34
C SER A 199 5.71 -18.41 5.93
N LYS A 200 6.38 -19.51 5.58
CA LYS A 200 5.69 -20.75 5.20
C LYS A 200 5.19 -21.50 6.44
N LYS A 201 5.76 -21.19 7.59
CA LYS A 201 5.36 -21.87 8.83
C LYS A 201 4.15 -21.19 9.47
N ILE A 202 4.08 -19.87 9.32
CA ILE A 202 2.97 -19.12 9.91
C ILE A 202 1.92 -18.68 8.87
N GLY A 203 2.30 -18.63 7.60
CA GLY A 203 1.35 -18.24 6.58
C GLY A 203 1.21 -16.73 6.41
N CYS A 204 2.32 -16.01 6.49
CA CYS A 204 2.35 -14.57 6.32
C CYS A 204 3.63 -14.24 5.57
N ASN A 205 3.49 -13.63 4.39
CA ASN A 205 4.63 -13.30 3.55
C ASN A 205 5.23 -11.93 3.80
N GLY A 206 4.82 -11.27 4.88
CA GLY A 206 5.37 -9.96 5.18
C GLY A 206 5.70 -9.67 6.63
N PHE A 207 6.90 -9.12 6.85
CA PHE A 207 7.37 -8.76 8.18
C PHE A 207 7.51 -7.25 8.19
N PHE A 208 6.97 -6.60 9.20
CA PHE A 208 7.01 -5.16 9.27
C PHE A 208 7.59 -4.61 10.53
N PRO A 209 8.93 -4.52 10.62
CA PRO A 209 9.53 -3.98 11.84
C PRO A 209 9.38 -2.46 11.75
N PHE A 210 8.96 -1.84 12.84
CA PHE A 210 8.79 -0.39 12.85
C PHE A 210 9.07 0.18 14.23
N GLN A 211 9.37 1.47 14.27
CA GLN A 211 9.61 2.15 15.53
C GLN A 211 8.81 3.44 15.54
N ILE A 212 8.55 3.96 16.73
CA ILE A 212 7.77 5.16 16.90
C ILE A 212 8.68 6.36 17.15
N ARG A 213 8.40 7.47 16.48
CA ARG A 213 9.22 8.65 16.69
C ARG A 213 8.92 9.19 18.08
N PRO A 214 9.97 9.52 18.85
CA PRO A 214 9.80 10.05 20.20
C PRO A 214 8.80 11.18 20.32
N GLY A 215 7.84 11.04 21.24
CA GLY A 215 6.87 12.09 21.45
C GLY A 215 5.98 12.45 20.29
N LYS A 216 5.88 11.57 19.30
CA LYS A 216 5.05 11.83 18.14
C LYS A 216 4.29 10.60 17.67
N ASN A 217 3.14 10.83 17.05
CA ASN A 217 2.35 9.75 16.52
C ASN A 217 2.80 9.52 15.09
N GLU A 218 4.07 9.17 14.94
CA GLU A 218 4.65 8.92 13.64
C GLU A 218 5.53 7.69 13.76
N THR A 219 5.64 6.95 12.68
CA THR A 219 6.45 5.75 12.68
C THR A 219 7.40 5.71 11.50
N ASP A 220 8.35 4.79 11.59
CA ASP A 220 9.32 4.56 10.54
C ASP A 220 9.36 3.06 10.46
N GLY A 221 9.09 2.51 9.28
CA GLY A 221 9.12 1.07 9.16
C GLY A 221 9.78 0.58 7.89
N ARG A 222 9.91 -0.73 7.79
CA ARG A 222 10.48 -1.38 6.64
C ARG A 222 9.68 -2.65 6.42
N MSE A 223 9.30 -2.89 5.17
CA MSE A 223 8.49 -4.04 4.81
C MSE A 223 9.32 -5.05 4.03
O MSE A 223 9.70 -4.80 2.89
CB MSE A 223 7.32 -3.57 3.97
CG MSE A 223 6.08 -4.44 4.03
SE MSE A 223 6.31 -6.25 3.40
CE MSE A 223 6.38 -7.09 5.11
N PHE A 224 9.58 -6.21 4.64
CA PHE A 224 10.34 -7.29 4.02
C PHE A 224 9.41 -8.45 3.66
N SER A 225 9.44 -8.90 2.41
CA SER A 225 8.58 -10.00 1.97
C SER A 225 9.31 -10.92 1.00
N PRO A 226 10.47 -11.45 1.41
CA PRO A 226 11.23 -12.35 0.54
C PRO A 226 10.52 -13.63 0.13
N ALA A 227 9.53 -14.07 0.91
CA ALA A 227 8.81 -15.29 0.57
C ALA A 227 8.27 -15.18 -0.85
N ILE A 228 8.01 -13.95 -1.28
CA ILE A 228 7.54 -13.70 -2.64
C ILE A 228 8.67 -12.95 -3.33
N GLY A 229 8.43 -12.45 -4.53
CA GLY A 229 9.49 -11.75 -5.23
C GLY A 229 10.10 -10.52 -4.58
N ILE A 230 9.27 -9.70 -3.95
CA ILE A 230 9.70 -8.44 -3.32
C ILE A 230 10.57 -8.59 -2.06
N VAL A 231 11.84 -8.23 -2.17
CA VAL A 231 12.78 -8.31 -1.06
C VAL A 231 12.41 -7.29 0.02
N GLU A 232 12.13 -6.07 -0.42
CA GLU A 232 11.73 -4.99 0.47
C GLU A 232 10.97 -3.95 -0.35
N ASP A 233 9.71 -3.75 0.03
CA ASP A 233 8.85 -2.80 -0.65
C ASP A 233 9.10 -1.43 0.00
N PRO A 234 9.33 -0.41 -0.82
CA PRO A 234 9.59 0.95 -0.32
C PRO A 234 8.53 1.55 0.62
N VAL A 235 7.26 1.43 0.26
CA VAL A 235 6.20 1.97 1.11
C VAL A 235 4.93 1.14 0.87
N THR A 236 4.55 0.41 1.91
CA THR A 236 3.44 -0.53 1.87
C THR A 236 2.14 -0.17 2.60
N GLY A 237 1.12 0.20 1.84
CA GLY A 237 -0.16 0.54 2.46
C GLY A 237 -0.77 -0.59 3.29
N ASN A 238 -0.57 -1.84 2.87
CA ASN A 238 -1.13 -2.99 3.59
C ASN A 238 -0.33 -3.38 4.83
N ALA A 239 0.67 -2.55 5.16
CA ALA A 239 1.49 -2.76 6.34
C ALA A 239 1.17 -1.64 7.30
N ASN A 240 1.18 -0.42 6.78
CA ASN A 240 0.90 0.75 7.60
C ASN A 240 -0.56 0.86 8.01
N GLY A 241 -1.47 0.42 7.14
CA GLY A 241 -2.87 0.46 7.49
C GLY A 241 -3.10 -0.41 8.72
N PRO A 242 -2.72 -1.70 8.67
CA PRO A 242 -2.94 -2.52 9.86
C PRO A 242 -2.06 -2.15 11.05
N MSE A 243 -1.00 -1.37 10.82
CA MSE A 243 -0.16 -0.97 11.93
C MSE A 243 -0.95 -0.02 12.81
O MSE A 243 -0.95 -0.15 14.03
CB MSE A 243 1.10 -0.25 11.46
CG MSE A 243 1.95 0.28 12.59
SE MSE A 243 3.22 1.60 11.95
CE MSE A 243 2.03 3.12 11.74
N GLY A 244 -1.62 0.94 12.18
CA GLY A 244 -2.42 1.89 12.92
C GLY A 244 -3.51 1.19 13.70
N ALA A 245 -4.16 0.22 13.07
CA ALA A 245 -5.21 -0.53 13.73
C ALA A 245 -4.58 -1.27 14.91
N TRP A 246 -3.39 -1.83 14.70
CA TRP A 246 -2.67 -2.55 15.73
C TRP A 246 -2.34 -1.63 16.88
N LEU A 247 -1.93 -0.40 16.56
CA LEU A 247 -1.58 0.62 17.54
C LEU A 247 -2.76 0.94 18.47
N VAL A 248 -3.94 1.02 17.88
CA VAL A 248 -5.13 1.31 18.67
C VAL A 248 -5.47 0.06 19.48
N HIS A 249 -5.46 -1.08 18.82
CA HIS A 249 -5.79 -2.36 19.47
C HIS A 249 -4.95 -2.61 20.73
N HIS A 250 -3.69 -2.19 20.73
CA HIS A 250 -2.84 -2.40 21.89
C HIS A 250 -2.56 -1.12 22.67
N ASN A 251 -3.36 -0.08 22.39
CA ASN A 251 -3.26 1.21 23.06
C ASN A 251 -1.83 1.74 23.14
N VAL A 252 -1.04 1.45 22.11
CA VAL A 252 0.37 1.86 22.07
C VAL A 252 0.55 3.36 21.94
N LEU A 253 -0.42 4.00 21.28
CA LEU A 253 -0.40 5.44 21.04
C LEU A 253 -1.67 6.08 21.58
N PRO A 254 -1.56 7.24 22.20
CA PRO A 254 -2.71 7.95 22.75
C PRO A 254 -3.59 8.62 21.69
N HIS A 255 -4.90 8.49 21.86
CA HIS A 255 -5.84 9.09 20.94
C HIS A 255 -6.89 9.78 21.78
N ASP A 256 -7.38 10.92 21.30
CA ASP A 256 -8.36 11.68 22.05
C ASP A 256 -9.76 11.52 21.48
N GLY A 257 -9.95 11.94 20.24
CA GLY A 257 -11.26 11.81 19.65
C GLY A 257 -11.65 10.36 19.46
N ASN A 258 -12.40 10.12 18.39
CA ASN A 258 -12.84 8.78 18.03
C ASN A 258 -11.96 8.42 16.85
N VAL A 259 -10.72 8.90 16.91
CA VAL A 259 -9.78 8.68 15.82
C VAL A 259 -8.32 8.69 16.30
N LEU A 260 -7.46 8.00 15.56
CA LEU A 260 -6.04 7.98 15.86
C LEU A 260 -5.39 8.24 14.52
N ARG A 261 -4.55 9.27 14.45
CA ARG A 261 -3.84 9.56 13.20
C ARG A 261 -2.35 9.31 13.38
N VAL A 262 -1.77 8.56 12.44
CA VAL A 262 -0.35 8.23 12.47
C VAL A 262 0.25 8.44 11.09
N LYS A 263 1.42 9.08 11.03
CA LYS A 263 2.11 9.30 9.77
C LYS A 263 3.13 8.20 9.71
N GLY A 264 2.91 7.24 8.83
CA GLY A 264 3.85 6.13 8.72
C GLY A 264 4.90 6.34 7.66
N HIS A 265 6.14 6.53 8.08
CA HIS A 265 7.24 6.71 7.14
C HIS A 265 7.78 5.34 6.75
N GLN A 266 8.35 5.25 5.56
CA GLN A 266 8.88 3.97 5.12
C GLN A 266 9.69 4.19 3.85
N GLY A 267 10.70 3.34 3.66
CA GLY A 267 11.52 3.41 2.46
C GLY A 267 12.78 4.24 2.49
N ARG A 268 13.19 4.69 3.67
CA ARG A 268 14.38 5.52 3.78
C ARG A 268 15.66 4.77 3.40
N ALA A 269 15.87 3.59 3.98
CA ALA A 269 17.06 2.79 3.70
C ALA A 269 17.17 2.43 2.22
N LEU A 270 16.03 2.40 1.54
CA LEU A 270 15.94 2.07 0.11
C LEU A 270 16.21 3.30 -0.77
N GLY A 271 16.25 4.47 -0.16
CA GLY A 271 16.47 5.68 -0.94
C GLY A 271 15.17 5.98 -1.68
N ARG A 272 14.06 5.46 -1.15
CA ARG A 272 12.74 5.67 -1.74
C ARG A 272 11.76 6.12 -0.66
N ASP A 273 12.11 7.17 0.07
CA ASP A 273 11.25 7.66 1.14
C ASP A 273 9.82 7.93 0.72
N GLY A 274 8.89 7.55 1.59
CA GLY A 274 7.48 7.76 1.34
C GLY A 274 6.73 7.94 2.64
N MSE A 275 5.50 8.43 2.57
CA MSE A 275 4.73 8.64 3.79
C MSE A 275 3.25 8.38 3.57
O MSE A 275 2.64 8.91 2.64
CB MSE A 275 4.99 10.06 4.31
CG MSE A 275 4.52 10.33 5.74
SE MSE A 275 2.64 10.75 5.85
CE MSE A 275 2.67 12.40 4.82
N ILE A 276 2.69 7.54 4.43
CA ILE A 276 1.29 7.17 4.37
C ILE A 276 0.58 7.71 5.60
N GLU A 277 -0.47 8.51 5.40
CA GLU A 277 -1.19 9.03 6.55
C GLU A 277 -2.23 7.98 6.95
N VAL A 278 -2.06 7.38 8.12
CA VAL A 278 -2.99 6.35 8.59
C VAL A 278 -3.97 6.95 9.60
N THR A 279 -5.26 6.90 9.29
CA THR A 279 -6.24 7.44 10.23
C THR A 279 -7.20 6.31 10.64
N VAL A 280 -7.24 6.03 11.94
CA VAL A 280 -8.09 4.98 12.43
C VAL A 280 -9.27 5.55 13.18
N THR A 281 -10.47 5.14 12.79
CA THR A 281 -11.66 5.60 13.47
C THR A 281 -11.87 4.60 14.60
N ILE A 282 -12.00 5.12 15.81
CA ILE A 282 -12.14 4.29 16.98
C ILE A 282 -13.53 4.29 17.57
N ARG A 283 -13.91 3.13 18.07
CA ARG A 283 -15.19 2.96 18.74
C ARG A 283 -14.94 1.93 19.84
N ASP A 284 -15.38 2.25 21.06
CA ASP A 284 -15.20 1.37 22.21
C ASP A 284 -13.71 1.03 22.40
N ASN A 285 -12.85 1.97 22.05
CA ASN A 285 -11.40 1.82 22.15
C ASN A 285 -10.87 0.68 21.30
N GLN A 286 -11.57 0.42 20.21
CA GLN A 286 -11.18 -0.61 19.28
C GLN A 286 -11.06 0.00 17.88
N PRO A 287 -10.21 -0.57 17.02
CA PRO A 287 -10.06 -0.03 15.67
C PRO A 287 -11.18 -0.51 14.76
N GLU A 288 -12.23 0.31 14.62
CA GLU A 288 -13.36 -0.03 13.76
C GLU A 288 -12.99 -0.24 12.29
N LYS A 289 -12.35 0.76 11.70
CA LYS A 289 -11.95 0.69 10.29
C LYS A 289 -10.72 1.57 10.00
N VAL A 290 -9.99 1.23 8.94
CA VAL A 290 -8.78 1.94 8.61
C VAL A 290 -8.78 2.65 7.26
N THR A 291 -8.31 3.90 7.25
CA THR A 291 -8.21 4.65 6.01
C THR A 291 -6.74 5.05 5.83
N ILE A 292 -6.20 4.86 4.63
CA ILE A 292 -4.81 5.27 4.38
C ILE A 292 -4.83 6.39 3.34
N SER A 293 -3.92 7.35 3.48
CA SER A 293 -3.86 8.47 2.55
C SER A 293 -2.44 8.83 2.18
N GLY A 294 -2.29 9.48 1.04
CA GLY A 294 -0.98 9.89 0.56
C GLY A 294 -1.13 10.72 -0.70
N THR A 295 -0.01 11.20 -1.20
CA THR A 295 0.01 12.00 -2.42
C THR A 295 0.93 11.27 -3.39
N ALA A 296 1.20 11.85 -4.56
CA ALA A 296 2.05 11.20 -5.54
C ALA A 296 2.56 12.23 -6.55
N VAL A 297 3.49 11.82 -7.40
CA VAL A 297 4.02 12.73 -8.38
C VAL A 297 4.22 11.99 -9.68
N ILE A 298 3.70 12.57 -10.75
CA ILE A 298 3.81 11.98 -12.09
C ILE A 298 5.17 12.33 -12.68
N LEU A 299 5.92 11.31 -13.08
CA LEU A 299 7.24 11.56 -13.68
C LEU A 299 7.07 11.89 -15.16
N PHE A 300 6.11 11.22 -15.79
CA PHE A 300 5.82 11.44 -17.21
C PHE A 300 4.66 10.57 -17.62
N HIS A 301 4.07 10.91 -18.75
CA HIS A 301 2.96 10.15 -19.29
C HIS A 301 3.05 10.26 -20.80
N ALA A 302 2.51 9.27 -21.50
CA ALA A 302 2.55 9.30 -22.95
C ALA A 302 1.50 8.43 -23.57
N GLU A 303 1.16 8.75 -24.82
CA GLU A 303 0.23 7.95 -25.57
C GLU A 303 1.11 6.81 -26.09
N TRP A 304 0.64 5.57 -25.96
CA TRP A 304 1.42 4.45 -26.44
C TRP A 304 1.64 4.66 -27.94
N ALA A 305 2.85 4.38 -28.40
CA ALA A 305 3.18 4.59 -29.81
C ALA A 305 2.89 3.35 -30.64
N ILE A 306 2.47 2.29 -29.98
CA ILE A 306 2.16 1.02 -30.63
C ILE A 306 0.72 0.61 -30.41
N GLU A 307 0.17 -0.12 -31.37
CA GLU A 307 -1.20 -0.60 -31.32
C GLU A 307 -1.33 -1.57 -30.14
N LEU A 308 -2.46 -1.51 -29.44
CA LEU A 308 -2.72 -2.39 -28.30
C LEU A 308 -4.06 -3.11 -28.50
N GLY A 309 -4.00 -4.42 -28.76
CA GLY A 309 -5.22 -5.17 -28.98
C GLY A 309 -5.00 -6.40 -29.83
N SER A 310 -6.02 -7.25 -29.90
CA SER A 310 -5.96 -8.48 -30.68
C SER A 310 -7.31 -8.80 -31.31
S SO4 B . -18.89 -3.44 -12.33
O1 SO4 B . -18.33 -3.06 -11.02
O2 SO4 B . -17.79 -3.58 -13.31
O3 SO4 B . -19.60 -4.72 -12.21
O4 SO4 B . -19.84 -2.40 -12.77
S SO4 C . -4.51 -9.79 21.18
O1 SO4 C . -5.38 -10.88 20.66
O2 SO4 C . -3.42 -10.37 21.99
O3 SO4 C . -3.95 -9.05 20.04
O4 SO4 C . -5.31 -8.87 22.02
S SO4 D . -20.77 8.33 -1.22
O1 SO4 D . -21.97 9.19 -1.08
O2 SO4 D . -19.68 8.87 -0.39
O3 SO4 D . -21.09 6.96 -0.76
O4 SO4 D . -20.35 8.29 -2.63
S SO4 E . -21.46 7.07 4.54
O1 SO4 E . -22.46 7.54 5.53
O2 SO4 E . -20.38 6.34 5.23
O3 SO4 E . -22.13 6.17 3.57
O4 SO4 E . -20.90 8.23 3.82
S SO4 F . -0.19 -2.50 -0.72
O1 SO4 F . -1.28 -1.82 0.01
O2 SO4 F . 0.56 -3.35 0.21
O3 SO4 F . -0.77 -3.34 -1.78
O4 SO4 F . 0.70 -1.47 -1.31
#